data_4UCN
#
_entry.id   4UCN
#
_cell.length_a   47.280
_cell.length_b   91.230
_cell.length_c   52.960
_cell.angle_alpha   90.00
_cell.angle_beta   112.33
_cell.angle_gamma   90.00
#
_symmetry.space_group_name_H-M   'P 1 21 1'
#
loop_
_entity.id
_entity.type
_entity.pdbx_description
1 polymer 'GLYCYLPEPTIDE N-TETRADECANOYLTRANSFERASE'
2 non-polymer 2-PIPERAZIN-1-YL-ANILINE
3 non-polymer TETRADECANOYL-COA
4 water water
#
_entity_poly.entity_id   1
_entity_poly.type   'polypeptide(L)'
_entity_poly.pdbx_seq_one_letter_code
;MGSSHHHHHHSSGRENLYFQGPSNSDAAHAFWSTQPVPQTEDETEKIVFAGPMDEPKTVADIPEEPYPIASTFEWWTPNM
EAADDIHAIYELLRDNYVEDDDSMFRFNYSEEFLQWALCPPNYIPDWHVAVRRKADKKLLAFIAGVPVTLRMGTPKYMKV
KAQEKGEGEEAAKYDEPRHICEINFLCVHKQLREKRLAPILIKEATRRVNRTNVWQAVYTAGVLLPTPYASGQYFHRSLN
PEKLVEIRFSGIPAQYQKFQNPMAMLKRNYQLPSAPKNSGLREMKPSDVPQVRRILMNYLDSFDVGPVFSDAEISHYLLP
RDGVVFTYVVENDKKVTDFFSFYRIPSTVIGNSNYNLLNAAYVHYYAATSIPLHQLILDLLIVAHSRGFDVCNMVEILDN
RSFVEQLKFGAGDGHLRYYFYNWAYPKIKPSQVALVML
;
_entity_poly.pdbx_strand_id   A
#
# COMPACT_ATOMS: atom_id res chain seq x y z
N ALA A 28 -22.21 12.93 -10.22
CA ALA A 28 -22.66 12.02 -9.13
C ALA A 28 -21.91 10.69 -9.16
N HIS A 29 -22.25 9.81 -8.22
CA HIS A 29 -21.64 8.48 -8.13
C HIS A 29 -22.74 7.43 -8.02
N ALA A 30 -23.11 6.84 -9.16
CA ALA A 30 -24.21 5.87 -9.22
C ALA A 30 -24.02 4.66 -8.29
N PHE A 31 -22.76 4.24 -8.11
CA PHE A 31 -22.47 3.15 -7.18
C PHE A 31 -22.13 3.66 -5.77
N TRP A 32 -21.19 4.59 -5.67
CA TRP A 32 -20.69 5.03 -4.36
C TRP A 32 -21.71 5.75 -3.49
N SER A 33 -22.74 6.32 -4.12
CA SER A 33 -23.85 6.94 -3.38
C SER A 33 -24.77 5.93 -2.70
N THR A 34 -24.55 4.64 -2.97
CA THR A 34 -25.36 3.57 -2.37
C THR A 34 -24.62 2.91 -1.20
N GLN A 35 -23.37 3.32 -1.00
CA GLN A 35 -22.46 2.67 -0.06
C GLN A 35 -22.29 3.41 1.27
N PRO A 36 -21.98 2.67 2.36
CA PRO A 36 -21.72 3.28 3.67
C PRO A 36 -20.36 3.95 3.74
N VAL A 37 -20.23 5.05 3.02
CA VAL A 37 -19.06 5.93 3.08
C VAL A 37 -19.57 7.37 3.15
N PRO A 38 -18.79 8.28 3.78
CA PRO A 38 -19.16 9.70 3.71
C PRO A 38 -19.19 10.17 2.25
N GLN A 39 -20.19 10.98 1.92
CA GLN A 39 -20.49 11.31 0.53
C GLN A 39 -19.77 12.56 0.00
N THR A 40 -19.42 13.47 0.89
CA THR A 40 -18.77 14.73 0.52
C THR A 40 -17.67 15.13 1.51
N GLU A 41 -16.84 16.09 1.10
CA GLU A 41 -15.83 16.68 1.98
C GLU A 41 -16.46 17.40 3.17
N ASP A 42 -17.55 18.12 2.92
CA ASP A 42 -18.31 18.81 3.96
C ASP A 42 -18.87 17.86 5.01
N GLU A 43 -19.26 16.69 4.54
CA GLU A 43 -19.67 15.58 5.37
C GLU A 43 -18.52 15.12 6.25
N THR A 44 -17.36 14.86 5.66
CA THR A 44 -16.22 14.33 6.42
C THR A 44 -15.78 15.30 7.49
N GLU A 45 -15.91 16.59 7.22
CA GLU A 45 -15.50 17.61 8.18
C GLU A 45 -16.44 17.74 9.40
N LYS A 46 -17.63 17.17 9.33
CA LYS A 46 -18.57 17.09 10.44
C LYS A 46 -18.24 15.91 11.38
N ILE A 47 -17.55 14.88 10.87
CA ILE A 47 -17.25 13.67 11.66
C ILE A 47 -16.28 13.98 12.79
N VAL A 48 -16.64 13.55 14.00
CA VAL A 48 -15.90 13.90 15.20
C VAL A 48 -15.45 12.68 16.02
N PHE A 49 -16.06 11.52 15.76
CA PHE A 49 -15.70 10.27 16.43
C PHE A 49 -15.59 9.13 15.44
N ALA A 50 -14.63 8.23 15.68
CA ALA A 50 -14.54 7.00 14.91
C ALA A 50 -15.71 6.08 15.24
N GLY A 51 -16.22 5.38 14.24
CA GLY A 51 -17.33 4.44 14.42
C GLY A 51 -17.96 4.04 13.10
N PRO A 52 -18.82 3.00 13.12
CA PRO A 52 -19.48 2.49 11.92
C PRO A 52 -20.53 3.44 11.32
N MET A 53 -20.78 3.30 10.02
CA MET A 53 -21.83 4.06 9.33
C MET A 53 -23.13 3.25 9.26
N ASP A 54 -23.00 1.98 8.88
CA ASP A 54 -24.14 1.06 8.72
C ASP A 54 -24.75 0.64 10.05
N GLU A 55 -26.02 0.27 9.98
CA GLU A 55 -26.70 -0.36 11.11
C GLU A 55 -26.06 -1.72 11.40
N PRO A 56 -26.07 -2.14 12.68
CA PRO A 56 -25.57 -3.48 13.01
C PRO A 56 -26.29 -4.57 12.22
N LYS A 57 -25.52 -5.50 11.68
CA LYS A 57 -26.04 -6.67 10.97
C LYS A 57 -25.34 -7.92 11.50
N THR A 58 -25.96 -9.07 11.26
CA THR A 58 -25.35 -10.35 11.57
C THR A 58 -24.96 -11.06 10.29
N VAL A 59 -24.11 -12.07 10.42
CA VAL A 59 -23.76 -12.94 9.30
C VAL A 59 -25.03 -13.53 8.68
N ALA A 60 -25.99 -13.92 9.53
CA ALA A 60 -27.25 -14.51 9.07
C ALA A 60 -28.09 -13.58 8.19
N ASP A 61 -27.90 -12.27 8.32
CA ASP A 61 -28.62 -11.28 7.51
C ASP A 61 -28.09 -11.21 6.08
N ILE A 62 -26.85 -11.65 5.90
CA ILE A 62 -26.15 -11.51 4.63
C ILE A 62 -26.48 -12.68 3.70
N PRO A 63 -26.85 -12.38 2.43
CA PRO A 63 -27.19 -13.45 1.48
C PRO A 63 -26.08 -14.51 1.42
N GLU A 64 -26.48 -15.77 1.46
CA GLU A 64 -25.54 -16.90 1.45
C GLU A 64 -24.98 -17.17 0.05
N GLU A 65 -25.74 -16.78 -0.97
CA GLU A 65 -25.37 -17.04 -2.37
C GLU A 65 -24.63 -15.87 -3.00
N PRO A 66 -23.67 -16.16 -3.90
CA PRO A 66 -22.96 -15.11 -4.60
C PRO A 66 -23.90 -14.13 -5.27
N TYR A 67 -23.46 -12.89 -5.37
CA TYR A 67 -24.20 -11.86 -6.06
C TYR A 67 -24.51 -12.30 -7.51
N PRO A 68 -25.75 -12.03 -7.97
CA PRO A 68 -26.11 -12.38 -9.35
C PRO A 68 -25.17 -11.75 -10.38
N ILE A 69 -24.75 -12.57 -11.34
CA ILE A 69 -23.87 -12.11 -12.41
C ILE A 69 -24.42 -12.64 -13.74
N ALA A 70 -24.09 -11.95 -14.83
CA ALA A 70 -24.50 -12.37 -16.18
C ALA A 70 -24.21 -13.85 -16.42
N SER A 71 -25.14 -14.52 -17.10
CA SER A 71 -25.07 -15.98 -17.32
C SER A 71 -23.83 -16.45 -18.10
N THR A 72 -23.17 -15.52 -18.79
CA THR A 72 -21.95 -15.81 -19.55
C THR A 72 -20.70 -15.70 -18.68
N PHE A 73 -20.87 -15.17 -17.46
CA PHE A 73 -19.77 -15.03 -16.51
C PHE A 73 -19.95 -15.97 -15.32
N GLU A 74 -18.87 -16.16 -14.56
CA GLU A 74 -18.94 -16.93 -13.33
C GLU A 74 -17.96 -16.38 -12.31
N TRP A 75 -18.31 -16.53 -11.03
CA TRP A 75 -17.39 -16.21 -9.95
C TRP A 75 -16.38 -17.33 -9.87
N TRP A 76 -15.15 -16.97 -9.50
CA TRP A 76 -14.08 -17.93 -9.34
C TRP A 76 -13.23 -17.50 -8.17
N THR A 77 -12.93 -18.45 -7.28
CA THR A 77 -12.01 -18.21 -6.19
C THR A 77 -10.68 -18.87 -6.54
N PRO A 78 -9.67 -18.08 -6.94
CA PRO A 78 -8.40 -18.69 -7.23
C PRO A 78 -7.74 -19.22 -5.97
N ASN A 79 -6.94 -20.26 -6.12
CA ASN A 79 -6.12 -20.76 -5.04
C ASN A 79 -4.76 -20.06 -5.17
N MET A 80 -4.53 -19.10 -4.29
CA MET A 80 -3.46 -18.16 -4.51
C MET A 80 -2.14 -18.69 -3.99
N GLU A 81 -2.16 -19.93 -3.58
CA GLU A 81 -1.02 -20.65 -3.29
C GLU A 81 -0.70 -21.69 -4.37
N ALA A 82 -1.58 -21.92 -5.33
CA ALA A 82 -1.35 -22.74 -6.54
C ALA A 82 -0.70 -21.97 -7.68
N ALA A 83 0.49 -22.42 -8.06
CA ALA A 83 1.29 -21.67 -9.05
C ALA A 83 0.49 -21.22 -10.28
N ASP A 84 -0.34 -22.11 -10.80
CA ASP A 84 -1.07 -21.82 -12.03
C ASP A 84 -2.17 -20.74 -11.84
N ASP A 85 -2.83 -20.74 -10.69
CA ASP A 85 -3.83 -19.71 -10.37
C ASP A 85 -3.16 -18.35 -10.14
N ILE A 86 -2.03 -18.36 -9.42
CA ILE A 86 -1.23 -17.15 -9.22
C ILE A 86 -0.82 -16.57 -10.58
N HIS A 87 -0.38 -17.45 -11.48
CA HIS A 87 0.03 -17.01 -12.82
C HIS A 87 -1.12 -16.34 -13.59
N ALA A 88 -2.33 -16.89 -13.48
CA ALA A 88 -3.49 -16.31 -14.18
C ALA A 88 -3.81 -14.90 -13.68
N ILE A 89 -3.74 -14.72 -12.36
CA ILE A 89 -3.90 -13.40 -11.74
C ILE A 89 -2.76 -12.47 -12.17
N TYR A 90 -1.54 -13.01 -12.16
CA TYR A 90 -0.36 -12.27 -12.60
C TYR A 90 -0.55 -11.70 -14.01
N GLU A 91 -1.05 -12.51 -14.93
CA GLU A 91 -1.26 -12.09 -16.33
C GLU A 91 -2.29 -10.98 -16.43
N LEU A 92 -3.41 -11.16 -15.75
CA LEU A 92 -4.47 -10.14 -15.73
C LEU A 92 -3.92 -8.79 -15.27
N LEU A 93 -3.17 -8.79 -14.18
CA LEU A 93 -2.62 -7.55 -13.63
C LEU A 93 -1.54 -6.97 -14.53
N ARG A 94 -0.67 -7.84 -15.05
CA ARG A 94 0.41 -7.40 -15.94
C ARG A 94 -0.13 -6.59 -17.12
N ASP A 95 -1.28 -7.01 -17.64
CA ASP A 95 -1.81 -6.43 -18.87
C ASP A 95 -2.91 -5.39 -18.64
N ASN A 96 -3.46 -5.34 -17.42
CA ASN A 96 -4.66 -4.56 -17.14
C ASN A 96 -4.68 -3.74 -15.84
N TYR A 97 -3.61 -3.79 -15.05
CA TYR A 97 -3.62 -3.09 -13.75
C TYR A 97 -3.19 -1.63 -13.90
N VAL A 98 -2.80 -0.99 -12.81
CA VAL A 98 -2.62 0.46 -12.76
C VAL A 98 -1.58 0.97 -13.77
N GLU A 99 -2.01 1.93 -14.60
CA GLU A 99 -1.20 2.59 -15.62
C GLU A 99 -1.29 4.09 -15.40
N ASP A 100 -0.25 4.84 -15.78
CA ASP A 100 -0.38 6.29 -15.78
C ASP A 100 -1.26 6.73 -16.96
N ASP A 101 -1.71 7.98 -16.93
CA ASP A 101 -2.63 8.50 -17.95
C ASP A 101 -2.03 8.50 -19.37
N ASP A 102 -0.71 8.57 -19.46
CA ASP A 102 -0.01 8.60 -20.75
C ASP A 102 0.39 7.23 -21.26
N SER A 103 -0.04 6.18 -20.55
CA SER A 103 0.30 4.80 -20.87
C SER A 103 1.80 4.63 -21.10
N MET A 104 2.58 5.13 -20.16
CA MET A 104 4.03 4.97 -20.21
C MET A 104 4.49 3.77 -19.37
N PHE A 105 3.84 3.59 -18.21
CA PHE A 105 4.23 2.56 -17.26
C PHE A 105 3.01 1.86 -16.69
N ARG A 106 3.13 0.56 -16.48
CA ARG A 106 2.07 -0.22 -15.86
C ARG A 106 2.68 -1.17 -14.83
N PHE A 107 2.08 -1.25 -13.64
CA PHE A 107 2.59 -2.16 -12.61
C PHE A 107 2.74 -3.57 -13.18
N ASN A 108 3.84 -4.23 -12.81
CA ASN A 108 4.07 -5.63 -13.17
C ASN A 108 4.46 -6.43 -11.92
N TYR A 109 3.52 -6.51 -10.98
CA TYR A 109 3.72 -7.28 -9.74
C TYR A 109 4.09 -8.70 -10.11
N SER A 110 5.13 -9.24 -9.48
CA SER A 110 5.57 -10.59 -9.78
C SER A 110 4.66 -11.64 -9.14
N GLU A 111 4.74 -12.86 -9.65
CA GLU A 111 4.01 -13.99 -9.07
C GLU A 111 4.38 -14.19 -7.59
N GLU A 112 5.67 -14.09 -7.29
CA GLU A 112 6.14 -14.25 -5.92
C GLU A 112 5.62 -13.15 -5.01
N PHE A 113 5.56 -11.93 -5.53
CA PHE A 113 4.99 -10.82 -4.77
C PHE A 113 3.52 -11.07 -4.49
N LEU A 114 2.78 -11.53 -5.49
CA LEU A 114 1.35 -11.75 -5.33
C LEU A 114 1.06 -12.82 -4.29
N GLN A 115 1.80 -13.91 -4.30
CA GLN A 115 1.62 -14.94 -3.26
C GLN A 115 1.89 -14.37 -1.85
N TRP A 116 2.94 -13.57 -1.73
CA TRP A 116 3.29 -12.90 -0.49
C TRP A 116 2.19 -11.94 -0.03
N ALA A 117 1.75 -11.05 -0.93
CA ALA A 117 0.76 -10.03 -0.59
C ALA A 117 -0.59 -10.62 -0.23
N LEU A 118 -0.98 -11.71 -0.88
CA LEU A 118 -2.34 -12.20 -0.78
C LEU A 118 -2.54 -13.31 0.25
N CYS A 119 -1.42 -13.89 0.72
CA CYS A 119 -1.50 -15.01 1.66
C CYS A 119 -0.76 -14.78 2.99
N PRO A 120 -1.08 -13.66 3.67
CA PRO A 120 -0.49 -13.46 4.99
C PRO A 120 -1.08 -14.42 6.03
N PRO A 121 -0.53 -14.43 7.25
CA PRO A 121 -1.04 -15.34 8.27
C PRO A 121 -2.55 -15.20 8.45
N ASN A 122 -3.23 -16.34 8.49
CA ASN A 122 -4.68 -16.39 8.73
C ASN A 122 -5.53 -15.77 7.61
N TYR A 123 -4.97 -15.69 6.41
CA TYR A 123 -5.73 -15.15 5.26
C TYR A 123 -6.97 -16.02 4.98
N ILE A 124 -7.98 -15.39 4.38
CA ILE A 124 -9.23 -16.08 4.05
C ILE A 124 -9.29 -16.26 2.53
N PRO A 125 -9.15 -17.51 2.06
CA PRO A 125 -9.18 -17.78 0.62
C PRO A 125 -10.40 -17.18 -0.09
N ASP A 126 -11.56 -17.23 0.54
CA ASP A 126 -12.81 -16.72 -0.03
C ASP A 126 -12.79 -15.22 -0.32
N TRP A 127 -11.87 -14.48 0.31
CA TRP A 127 -11.77 -13.03 0.11
C TRP A 127 -11.05 -12.64 -1.19
N HIS A 128 -10.47 -13.63 -1.88
CA HIS A 128 -9.90 -13.40 -3.20
C HIS A 128 -10.97 -13.74 -4.22
N VAL A 129 -11.44 -12.70 -4.91
CA VAL A 129 -12.63 -12.81 -5.75
C VAL A 129 -12.32 -12.49 -7.22
N ALA A 130 -12.62 -13.44 -8.10
CA ALA A 130 -12.37 -13.25 -9.53
C ALA A 130 -13.64 -13.49 -10.34
N VAL A 131 -13.66 -12.90 -11.53
CA VAL A 131 -14.70 -13.16 -12.51
C VAL A 131 -14.02 -13.75 -13.73
N ARG A 132 -14.52 -14.90 -14.20
CA ARG A 132 -14.07 -15.43 -15.48
C ARG A 132 -15.22 -15.65 -16.47
N ARG A 133 -14.88 -15.68 -17.74
CA ARG A 133 -15.84 -15.94 -18.80
C ARG A 133 -16.04 -17.46 -18.84
N LYS A 134 -17.29 -17.89 -18.81
CA LYS A 134 -17.60 -19.33 -18.77
C LYS A 134 -17.08 -20.11 -19.98
N ALA A 135 -17.19 -19.51 -21.16
CA ALA A 135 -16.94 -20.19 -22.44
C ALA A 135 -15.48 -20.62 -22.66
N ASP A 136 -14.55 -19.75 -22.30
CA ASP A 136 -13.12 -20.00 -22.53
C ASP A 136 -12.31 -19.91 -21.24
N LYS A 137 -13.00 -19.63 -20.12
CA LYS A 137 -12.40 -19.52 -18.79
C LYS A 137 -11.39 -18.38 -18.66
N LYS A 138 -11.50 -17.39 -19.55
CA LYS A 138 -10.63 -16.21 -19.54
C LYS A 138 -10.95 -15.38 -18.30
N LEU A 139 -9.91 -15.04 -17.54
CA LEU A 139 -10.04 -14.19 -16.36
C LEU A 139 -10.33 -12.76 -16.80
N LEU A 140 -11.38 -12.18 -16.24
CA LEU A 140 -11.86 -10.87 -16.68
C LEU A 140 -11.71 -9.79 -15.61
N ALA A 141 -11.67 -10.21 -14.35
CA ALA A 141 -11.65 -9.25 -13.23
C ALA A 141 -11.19 -9.90 -11.94
N PHE A 142 -10.71 -9.07 -11.01
CA PHE A 142 -10.17 -9.55 -9.75
C PHE A 142 -10.28 -8.46 -8.70
N ILE A 143 -10.47 -8.88 -7.45
CA ILE A 143 -10.31 -8.00 -6.29
C ILE A 143 -9.83 -8.88 -5.14
N ALA A 144 -8.97 -8.35 -4.29
CA ALA A 144 -8.45 -9.14 -3.18
C ALA A 144 -8.63 -8.46 -1.85
N GLY A 145 -9.01 -9.25 -0.85
CA GLY A 145 -9.07 -8.78 0.53
C GLY A 145 -8.17 -9.66 1.38
N VAL A 146 -7.46 -9.04 2.31
CA VAL A 146 -6.66 -9.77 3.31
C VAL A 146 -6.99 -9.24 4.70
N PRO A 147 -6.90 -10.10 5.73
CA PRO A 147 -7.13 -9.60 7.08
C PRO A 147 -6.01 -8.66 7.53
N VAL A 148 -6.38 -7.66 8.32
CA VAL A 148 -5.42 -6.80 8.99
C VAL A 148 -6.04 -6.39 10.33
N THR A 149 -5.20 -6.35 11.36
CA THR A 149 -5.61 -5.77 12.64
C THR A 149 -5.18 -4.31 12.63
N LEU A 150 -6.16 -3.40 12.70
CA LEU A 150 -5.88 -1.99 12.51
C LEU A 150 -6.37 -1.17 13.70
N ARG A 151 -5.49 -0.30 14.20
CA ARG A 151 -5.92 0.75 15.13
C ARG A 151 -6.58 1.83 14.30
N MET A 152 -7.83 2.15 14.64
CA MET A 152 -8.63 3.08 13.86
C MET A 152 -9.62 3.82 14.74
N GLY A 153 -9.23 4.01 16.00
CA GLY A 153 -10.01 4.81 16.95
C GLY A 153 -9.84 6.28 16.67
N THR A 154 -10.66 7.11 17.32
CA THR A 154 -10.62 8.57 17.12
C THR A 154 -9.19 9.12 17.24
N PRO A 155 -8.76 9.92 16.25
CA PRO A 155 -7.41 10.50 16.25
C PRO A 155 -7.13 11.43 17.43
N LYS A 156 -5.85 11.58 17.78
CA LYS A 156 -5.43 12.39 18.94
C LYS A 156 -6.05 13.79 18.96
N TYR A 157 -5.95 14.52 17.85
CA TYR A 157 -6.43 15.90 17.83
C TYR A 157 -7.94 16.01 18.10
N MET A 158 -8.69 15.00 17.67
CA MET A 158 -10.13 14.94 17.91
C MET A 158 -10.45 14.48 19.33
N LYS A 159 -9.60 13.63 19.90
CA LYS A 159 -9.74 13.26 21.31
C LYS A 159 -9.55 14.46 22.22
N VAL A 160 -8.63 15.36 21.85
CA VAL A 160 -8.44 16.62 22.59
C VAL A 160 -9.73 17.44 22.54
N LYS A 161 -10.29 17.61 21.35
CA LYS A 161 -11.55 18.35 21.18
C LYS A 161 -12.67 17.71 22.01
N ALA A 162 -12.69 16.38 22.02
CA ALA A 162 -13.67 15.62 22.80
C ALA A 162 -13.52 15.87 24.30
N GLN A 163 -12.27 15.93 24.78
CA GLN A 163 -11.99 16.22 26.18
C GLN A 163 -12.42 17.64 26.56
N GLU A 164 -12.22 18.57 25.63
CA GLU A 164 -12.62 19.96 25.83
C GLU A 164 -14.15 20.12 25.86
N LYS A 165 -14.86 19.15 25.31
CA LYS A 165 -16.32 19.18 25.26
C LYS A 165 -16.98 18.25 26.28
N GLY A 166 -16.18 17.46 26.98
CA GLY A 166 -16.71 16.47 27.92
C GLY A 166 -17.30 15.26 27.21
N GLU A 167 -16.73 14.94 26.05
CA GLU A 167 -17.22 13.86 25.18
C GLU A 167 -16.22 12.71 25.01
N GLY A 168 -15.42 12.48 26.04
CA GLY A 168 -14.34 11.49 25.99
C GLY A 168 -14.78 10.04 25.80
N GLU A 169 -15.90 9.66 26.40
CA GLU A 169 -16.35 8.26 26.34
C GLU A 169 -16.76 7.84 24.93
N GLU A 170 -17.49 8.73 24.25
CA GLU A 170 -17.90 8.50 22.87
C GLU A 170 -16.67 8.36 21.98
N ALA A 171 -15.70 9.25 22.19
CA ALA A 171 -14.48 9.32 21.38
C ALA A 171 -13.58 8.10 21.55
N ALA A 172 -13.67 7.44 22.70
CA ALA A 172 -12.80 6.30 23.00
C ALA A 172 -13.47 4.95 22.72
N LYS A 173 -14.75 4.99 22.34
CA LYS A 173 -15.56 3.78 22.17
C LYS A 173 -14.89 2.70 21.30
N TYR A 174 -14.28 3.12 20.19
CA TYR A 174 -13.68 2.18 19.24
C TYR A 174 -12.15 2.21 19.21
N ASP A 175 -11.53 2.42 20.37
CA ASP A 175 -10.07 2.48 20.49
C ASP A 175 -9.38 1.14 20.28
N GLU A 176 -10.06 0.05 20.60
CA GLU A 176 -9.45 -1.27 20.53
C GLU A 176 -9.15 -1.65 19.08
N PRO A 177 -7.94 -2.17 18.81
CA PRO A 177 -7.59 -2.59 17.45
C PRO A 177 -8.64 -3.53 16.87
N ARG A 178 -8.97 -3.32 15.60
CA ARG A 178 -10.06 -4.04 14.96
C ARG A 178 -9.56 -4.98 13.87
N HIS A 179 -10.17 -6.16 13.81
CA HIS A 179 -9.87 -7.13 12.78
C HIS A 179 -10.73 -6.84 11.55
N ILE A 180 -10.10 -6.28 10.52
CA ILE A 180 -10.83 -5.77 9.36
C ILE A 180 -10.28 -6.35 8.05
N CYS A 181 -10.80 -5.86 6.94
CA CYS A 181 -10.36 -6.28 5.63
C CYS A 181 -9.56 -5.16 4.95
N GLU A 182 -8.43 -5.52 4.36
CA GLU A 182 -7.65 -4.61 3.52
C GLU A 182 -7.84 -5.02 2.07
N ILE A 183 -8.42 -4.13 1.27
CA ILE A 183 -8.70 -4.38 -0.15
C ILE A 183 -7.60 -3.82 -1.05
N ASN A 184 -7.23 -4.61 -2.06
CA ASN A 184 -6.18 -4.24 -3.00
C ASN A 184 -6.39 -5.01 -4.30
N PHE A 185 -5.65 -4.64 -5.34
CA PHE A 185 -5.64 -5.36 -6.62
C PHE A 185 -6.97 -5.42 -7.37
N LEU A 186 -7.84 -4.44 -7.14
CA LEU A 186 -9.04 -4.31 -7.97
C LEU A 186 -8.64 -4.10 -9.42
N CYS A 187 -9.16 -4.94 -10.31
CA CYS A 187 -8.77 -4.89 -11.72
C CYS A 187 -9.86 -5.47 -12.61
N VAL A 188 -10.23 -4.70 -13.64
CA VAL A 188 -11.14 -5.15 -14.68
C VAL A 188 -10.39 -5.13 -16.00
N HIS A 189 -10.52 -6.21 -16.78
CA HIS A 189 -9.85 -6.33 -18.08
C HIS A 189 -10.22 -5.13 -18.95
N LYS A 190 -9.24 -4.63 -19.71
CA LYS A 190 -9.46 -3.50 -20.61
C LYS A 190 -10.68 -3.63 -21.54
N GLN A 191 -10.93 -4.85 -22.02
CA GLN A 191 -12.05 -5.12 -22.92
C GLN A 191 -13.42 -5.00 -22.23
N LEU A 192 -13.42 -4.97 -20.90
CA LEU A 192 -14.65 -4.94 -20.13
C LEU A 192 -14.82 -3.67 -19.29
N ARG A 193 -14.03 -2.64 -19.60
CA ARG A 193 -14.08 -1.37 -18.89
C ARG A 193 -15.39 -0.63 -19.12
N GLU A 194 -15.85 0.06 -18.05
CA GLU A 194 -17.04 0.93 -18.11
C GLU A 194 -18.34 0.17 -18.40
N LYS A 195 -18.39 -1.07 -17.93
CA LYS A 195 -19.58 -1.91 -18.03
C LYS A 195 -20.15 -2.22 -16.66
N ARG A 196 -19.75 -1.43 -15.67
CA ARG A 196 -20.21 -1.55 -14.27
C ARG A 196 -19.87 -2.90 -13.62
N LEU A 197 -18.76 -3.49 -14.02
CA LEU A 197 -18.29 -4.73 -13.42
C LEU A 197 -17.62 -4.50 -12.07
N ALA A 198 -16.92 -3.37 -11.93
CA ALA A 198 -16.23 -3.04 -10.68
C ALA A 198 -17.18 -2.96 -9.47
N PRO A 199 -18.33 -2.25 -9.60
CA PRO A 199 -19.29 -2.28 -8.49
C PRO A 199 -19.74 -3.69 -8.08
N ILE A 200 -19.95 -4.58 -9.06
CA ILE A 200 -20.39 -5.95 -8.80
C ILE A 200 -19.30 -6.72 -8.01
N LEU A 201 -18.05 -6.57 -8.44
CA LEU A 201 -16.90 -7.13 -7.72
C LEU A 201 -16.84 -6.63 -6.27
N ILE A 202 -17.06 -5.33 -6.10
CA ILE A 202 -17.01 -4.72 -4.78
C ILE A 202 -18.15 -5.27 -3.90
N LYS A 203 -19.37 -5.34 -4.45
CA LYS A 203 -20.52 -5.90 -3.71
C LYS A 203 -20.28 -7.35 -3.28
N GLU A 204 -19.71 -8.15 -4.18
CA GLU A 204 -19.47 -9.56 -3.88
C GLU A 204 -18.35 -9.73 -2.85
N ALA A 205 -17.29 -8.94 -2.98
CA ALA A 205 -16.24 -8.92 -1.97
C ALA A 205 -16.84 -8.54 -0.61
N THR A 206 -17.65 -7.48 -0.59
CA THR A 206 -18.29 -7.02 0.65
C THR A 206 -19.12 -8.15 1.27
N ARG A 207 -19.86 -8.87 0.45
CA ARG A 207 -20.69 -9.98 0.91
C ARG A 207 -19.85 -11.08 1.56
N ARG A 208 -18.78 -11.48 0.89
CA ARG A 208 -17.92 -12.55 1.40
C ARG A 208 -17.24 -12.15 2.71
N VAL A 209 -16.82 -10.88 2.79
CA VAL A 209 -16.20 -10.34 4.01
C VAL A 209 -17.24 -10.26 5.15
N ASN A 210 -18.43 -9.75 4.84
CA ASN A 210 -19.53 -9.70 5.81
C ASN A 210 -19.90 -11.08 6.36
N ARG A 211 -19.87 -12.10 5.49
CA ARG A 211 -20.19 -13.49 5.89
C ARG A 211 -19.14 -14.06 6.86
N THR A 212 -17.97 -13.42 6.91
CA THR A 212 -16.90 -13.75 7.84
C THR A 212 -16.98 -12.90 9.12
N ASN A 213 -18.08 -12.16 9.27
CA ASN A 213 -18.32 -11.28 10.42
C ASN A 213 -17.31 -10.13 10.51
N VAL A 214 -16.93 -9.59 9.35
CA VAL A 214 -16.07 -8.42 9.27
C VAL A 214 -16.84 -7.33 8.52
N TRP A 215 -16.79 -6.11 9.04
CA TRP A 215 -17.73 -5.06 8.62
C TRP A 215 -17.07 -3.76 8.18
N GLN A 216 -15.74 -3.69 8.35
CA GLN A 216 -14.96 -2.53 7.88
C GLN A 216 -13.89 -2.96 6.89
N ALA A 217 -13.52 -2.05 6.01
CA ALA A 217 -12.37 -2.26 5.16
C ALA A 217 -11.52 -1.00 5.09
N VAL A 218 -10.25 -1.20 4.75
CA VAL A 218 -9.37 -0.08 4.43
C VAL A 218 -8.79 -0.31 3.05
N TYR A 219 -8.63 0.77 2.29
CA TYR A 219 -8.03 0.69 0.96
C TYR A 219 -7.41 2.02 0.58
N THR A 220 -6.52 1.99 -0.41
CA THR A 220 -6.00 3.22 -0.98
C THR A 220 -6.37 3.27 -2.46
N ALA A 221 -6.43 4.48 -3.00
CA ALA A 221 -6.53 4.67 -4.44
C ALA A 221 -5.80 5.94 -4.84
N GLY A 222 -5.28 5.94 -6.07
CA GLY A 222 -4.67 7.15 -6.62
C GLY A 222 -5.68 8.10 -7.25
N VAL A 223 -6.96 7.74 -7.17
CA VAL A 223 -8.04 8.58 -7.66
C VAL A 223 -8.88 9.06 -6.49
N LEU A 224 -9.59 10.17 -6.68
CA LEU A 224 -10.44 10.73 -5.65
C LEU A 224 -11.86 10.13 -5.72
N LEU A 225 -12.24 9.49 -4.62
CA LEU A 225 -13.54 8.86 -4.45
C LEU A 225 -14.14 9.42 -3.18
N PRO A 226 -15.45 9.17 -2.94
CA PRO A 226 -16.00 9.53 -1.63
C PRO A 226 -15.62 8.49 -0.57
N THR A 227 -14.94 8.87 0.52
CA THR A 227 -14.34 10.19 0.77
C THR A 227 -13.09 9.88 1.61
N PRO A 228 -11.91 10.40 1.21
CA PRO A 228 -10.69 9.98 1.89
C PRO A 228 -10.56 10.54 3.30
N TYR A 229 -9.96 9.77 4.19
CA TYR A 229 -9.64 10.30 5.51
C TYR A 229 -8.23 10.89 5.56
N ALA A 230 -7.42 10.58 4.54
CA ALA A 230 -6.08 11.11 4.42
C ALA A 230 -5.64 11.07 2.97
N SER A 231 -4.77 12.01 2.61
CA SER A 231 -4.22 12.10 1.27
C SER A 231 -2.76 12.52 1.40
N GLY A 232 -1.89 11.88 0.64
CA GLY A 232 -0.48 12.19 0.66
C GLY A 232 0.13 12.23 -0.72
N GLN A 233 1.10 13.14 -0.91
CA GLN A 233 1.85 13.19 -2.15
C GLN A 233 2.77 11.99 -2.26
N TYR A 234 3.03 11.58 -3.50
CA TYR A 234 4.05 10.60 -3.78
C TYR A 234 5.41 11.29 -3.81
N PHE A 235 6.47 10.54 -3.45
CA PHE A 235 7.84 11.01 -3.57
C PHE A 235 8.73 9.98 -4.25
N HIS A 236 9.71 10.46 -5.02
CA HIS A 236 10.62 9.58 -5.77
C HIS A 236 12.05 10.02 -5.55
N ARG A 237 12.95 9.05 -5.44
CA ARG A 237 14.38 9.29 -5.31
C ARG A 237 15.07 8.55 -6.43
N SER A 238 15.63 9.30 -7.37
CA SER A 238 16.36 8.75 -8.50
C SER A 238 17.57 7.94 -8.04
N LEU A 239 17.67 6.70 -8.50
CA LEU A 239 18.86 5.87 -8.24
C LEU A 239 19.67 5.68 -9.52
N ASN A 240 18.98 5.52 -10.65
CA ASN A 240 19.60 5.38 -11.97
C ASN A 240 19.06 6.50 -12.88
N PRO A 241 19.55 7.74 -12.68
CA PRO A 241 18.98 8.88 -13.38
C PRO A 241 19.04 8.76 -14.90
N GLU A 242 20.11 8.21 -15.43
CA GLU A 242 20.24 8.09 -16.89
C GLU A 242 19.10 7.27 -17.49
N LYS A 243 18.80 6.12 -16.87
CA LYS A 243 17.70 5.28 -17.32
C LYS A 243 16.36 5.98 -17.17
N LEU A 244 16.14 6.63 -16.03
CA LEU A 244 14.89 7.35 -15.77
C LEU A 244 14.59 8.44 -16.81
N VAL A 245 15.64 9.12 -17.28
CA VAL A 245 15.51 10.12 -18.34
C VAL A 245 15.20 9.46 -19.68
N GLU A 246 15.96 8.40 -19.99
CA GLU A 246 15.77 7.66 -21.24
C GLU A 246 14.34 7.14 -21.42
N ILE A 247 13.74 6.63 -20.34
CA ILE A 247 12.39 6.06 -20.38
C ILE A 247 11.30 7.10 -20.11
N ARG A 248 11.73 8.36 -19.96
CA ARG A 248 10.86 9.51 -19.69
C ARG A 248 10.06 9.43 -18.39
N PHE A 249 10.58 8.70 -17.41
CA PHE A 249 10.04 8.73 -16.05
C PHE A 249 10.31 10.12 -15.47
N SER A 250 11.54 10.60 -15.67
CA SER A 250 11.97 11.91 -15.20
C SER A 250 12.39 12.74 -16.41
N GLY A 251 12.44 14.05 -16.21
CA GLY A 251 13.07 14.93 -17.18
C GLY A 251 14.38 15.44 -16.64
N ILE A 252 15.18 16.08 -17.49
CA ILE A 252 16.33 16.84 -17.03
C ILE A 252 15.84 18.25 -16.72
N PRO A 253 15.88 18.66 -15.43
CA PRO A 253 15.42 19.99 -15.03
C PRO A 253 16.13 21.10 -15.79
N ALA A 254 15.41 22.21 -16.02
CA ALA A 254 15.88 23.32 -16.84
C ALA A 254 17.24 23.88 -16.44
N GLN A 255 17.51 23.95 -15.13
CA GLN A 255 18.78 24.50 -14.64
C GLN A 255 19.99 23.71 -15.13
N TYR A 256 19.84 22.40 -15.30
CA TYR A 256 20.92 21.55 -15.80
C TYR A 256 21.47 21.95 -17.17
N GLN A 257 20.69 22.71 -17.94
CA GLN A 257 21.12 23.15 -19.26
C GLN A 257 22.17 24.26 -19.21
N LYS A 258 22.46 24.74 -17.99
CA LYS A 258 23.54 25.70 -17.76
C LYS A 258 24.90 24.98 -17.67
N PHE A 259 24.86 23.65 -17.58
CA PHE A 259 26.07 22.84 -17.53
C PHE A 259 26.50 22.35 -18.91
N GLN A 260 27.80 22.20 -19.10
CA GLN A 260 28.38 21.66 -20.34
C GLN A 260 27.90 20.23 -20.59
N ASN A 261 27.77 19.46 -19.51
CA ASN A 261 27.31 18.08 -19.59
C ASN A 261 26.17 17.84 -18.59
N PRO A 262 24.93 18.15 -18.98
CA PRO A 262 23.78 17.99 -18.09
C PRO A 262 23.67 16.59 -17.50
N MET A 263 23.79 15.56 -18.33
CA MET A 263 23.64 14.18 -17.84
C MET A 263 24.72 13.77 -16.83
N ALA A 264 25.96 14.18 -17.08
CA ALA A 264 27.05 13.93 -16.13
C ALA A 264 26.77 14.56 -14.77
N MET A 265 26.24 15.79 -14.80
CA MET A 265 25.89 16.49 -13.56
C MET A 265 24.70 15.86 -12.84
N LEU A 266 23.72 15.38 -13.61
CA LEU A 266 22.58 14.68 -13.05
C LEU A 266 23.03 13.39 -12.34
N LYS A 267 23.92 12.65 -13.01
CA LYS A 267 24.47 11.42 -12.42
C LYS A 267 25.25 11.71 -11.15
N ARG A 268 26.06 12.77 -11.17
CA ARG A 268 26.83 13.17 -10.00
C ARG A 268 25.92 13.57 -8.83
N ASN A 269 24.90 14.37 -9.11
CA ASN A 269 24.01 14.83 -8.06
C ASN A 269 23.29 13.71 -7.31
N TYR A 270 22.98 12.61 -8.01
CA TYR A 270 22.25 11.50 -7.39
C TYR A 270 23.11 10.30 -7.01
N GLN A 271 24.43 10.45 -7.13
CA GLN A 271 25.36 9.37 -6.82
C GLN A 271 25.26 8.95 -5.36
N LEU A 272 25.44 7.66 -5.11
CA LEU A 272 25.33 7.10 -3.77
C LEU A 272 26.55 6.26 -3.44
N PRO A 273 26.87 6.14 -2.14
CA PRO A 273 27.93 5.21 -1.73
C PRO A 273 27.68 3.79 -2.24
N SER A 274 28.77 3.05 -2.43
CA SER A 274 28.72 1.70 -3.01
C SER A 274 28.48 0.64 -1.96
N ALA A 275 28.47 1.04 -0.70
CA ALA A 275 28.27 0.14 0.43
C ALA A 275 27.65 0.92 1.59
N PRO A 276 26.82 0.24 2.43
CA PRO A 276 26.14 0.90 3.56
C PRO A 276 27.09 1.60 4.52
N LYS A 277 26.60 2.65 5.16
CA LYS A 277 27.41 3.50 6.03
C LYS A 277 27.29 3.11 7.51
N ASN A 278 26.18 2.48 7.88
CA ASN A 278 25.99 2.04 9.25
C ASN A 278 26.71 0.72 9.49
N SER A 279 27.66 0.72 10.42
CA SER A 279 28.29 -0.52 10.84
C SER A 279 27.24 -1.37 11.55
N GLY A 280 27.30 -2.68 11.33
CA GLY A 280 26.33 -3.57 11.95
C GLY A 280 25.02 -3.72 11.20
N LEU A 281 24.91 -3.07 10.05
CA LEU A 281 23.76 -3.30 9.18
C LEU A 281 23.87 -4.69 8.55
N ARG A 282 22.81 -5.47 8.68
CA ARG A 282 22.76 -6.82 8.10
C ARG A 282 21.31 -7.16 7.76
N GLU A 283 21.11 -8.18 6.94
CA GLU A 283 19.75 -8.65 6.66
C GLU A 283 19.09 -9.19 7.92
N MET A 284 17.79 -8.96 8.01
CA MET A 284 16.98 -9.47 9.10
C MET A 284 16.91 -11.01 9.04
N LYS A 285 16.96 -11.64 10.21
CA LYS A 285 16.84 -13.08 10.38
C LYS A 285 15.60 -13.42 11.21
N PRO A 286 15.15 -14.69 11.19
CA PRO A 286 14.02 -15.11 12.04
C PRO A 286 14.21 -14.77 13.52
N SER A 287 15.43 -14.88 14.04
CA SER A 287 15.69 -14.58 15.45
C SER A 287 15.46 -13.11 15.80
N ASP A 288 15.42 -12.25 14.78
CA ASP A 288 15.18 -10.81 14.95
C ASP A 288 13.70 -10.44 15.13
N VAL A 289 12.80 -11.39 14.86
CA VAL A 289 11.34 -11.09 14.79
C VAL A 289 10.80 -10.42 16.08
N PRO A 290 11.10 -10.99 17.27
CA PRO A 290 10.60 -10.34 18.48
C PRO A 290 11.09 -8.90 18.69
N GLN A 291 12.38 -8.64 18.46
CA GLN A 291 12.92 -7.28 18.67
C GLN A 291 12.40 -6.31 17.61
N VAL A 292 12.33 -6.75 16.37
CA VAL A 292 11.75 -5.92 15.31
C VAL A 292 10.26 -5.61 15.59
N ARG A 293 9.51 -6.62 16.03
CA ARG A 293 8.11 -6.42 16.43
C ARG A 293 8.01 -5.35 17.51
N ARG A 294 8.87 -5.44 18.53
CA ARG A 294 8.85 -4.50 19.65
C ARG A 294 9.13 -3.07 19.21
N ILE A 295 10.22 -2.85 18.47
CA ILE A 295 10.56 -1.47 18.07
C ILE A 295 9.58 -0.91 17.04
N LEU A 296 9.14 -1.75 16.10
CA LEU A 296 8.12 -1.31 15.15
C LEU A 296 6.80 -0.94 15.84
N MET A 297 6.32 -1.80 16.74
CA MET A 297 5.02 -1.53 17.38
C MET A 297 5.08 -0.31 18.30
N ASN A 298 6.19 -0.18 19.02
CA ASN A 298 6.42 1.03 19.83
C ASN A 298 6.33 2.30 18.99
N TYR A 299 6.90 2.25 17.79
CA TYR A 299 6.91 3.38 16.87
C TYR A 299 5.52 3.64 16.26
N LEU A 300 4.90 2.59 15.73
CA LEU A 300 3.62 2.75 15.04
C LEU A 300 2.48 3.16 15.96
N ASP A 301 2.55 2.74 17.23
CA ASP A 301 1.50 3.09 18.19
C ASP A 301 1.33 4.61 18.38
N SER A 302 2.34 5.38 17.95
CA SER A 302 2.31 6.85 18.04
C SER A 302 1.43 7.53 16.97
N PHE A 303 1.05 6.77 15.94
CA PHE A 303 0.24 7.29 14.83
C PHE A 303 -1.24 7.01 15.08
N ASP A 304 -2.11 7.87 14.55
CA ASP A 304 -3.56 7.70 14.71
C ASP A 304 -4.11 6.42 14.07
N VAL A 305 -3.67 6.12 12.85
CA VAL A 305 -4.08 4.90 12.14
C VAL A 305 -2.85 4.06 11.84
N GLY A 306 -2.87 2.82 12.31
CA GLY A 306 -1.73 1.94 12.12
C GLY A 306 -2.07 0.49 12.36
N PRO A 307 -1.30 -0.43 11.77
CA PRO A 307 -1.54 -1.85 11.95
C PRO A 307 -0.96 -2.35 13.26
N VAL A 308 -1.49 -3.48 13.72
CA VAL A 308 -0.94 -4.20 14.86
C VAL A 308 -0.51 -5.55 14.31
N PHE A 309 0.76 -5.90 14.52
CA PHE A 309 1.34 -7.09 13.92
C PHE A 309 1.74 -8.10 14.99
N SER A 310 1.36 -9.35 14.78
CA SER A 310 1.82 -10.47 15.61
C SER A 310 3.24 -10.87 15.18
N ASP A 311 3.88 -11.76 15.94
CA ASP A 311 5.16 -12.36 15.52
C ASP A 311 5.05 -12.96 14.12
N ALA A 312 3.97 -13.70 13.89
CA ALA A 312 3.76 -14.37 12.60
C ALA A 312 3.63 -13.36 11.46
N GLU A 313 3.00 -12.22 11.73
CA GLU A 313 2.82 -11.19 10.72
C GLU A 313 4.12 -10.40 10.47
N ILE A 314 4.88 -10.12 11.54
CA ILE A 314 6.23 -9.54 11.39
C ILE A 314 7.10 -10.46 10.50
N SER A 315 7.12 -11.75 10.82
CA SER A 315 7.86 -12.74 10.03
C SER A 315 7.42 -12.70 8.57
N HIS A 316 6.12 -12.71 8.34
CA HIS A 316 5.59 -12.75 6.97
C HIS A 316 5.93 -11.48 6.19
N TYR A 317 5.59 -10.34 6.76
CA TYR A 317 5.73 -9.09 6.03
C TYR A 317 7.15 -8.55 5.96
N LEU A 318 8.03 -8.98 6.86
CA LEU A 318 9.36 -8.38 6.94
C LEU A 318 10.57 -9.28 6.66
N LEU A 319 10.47 -10.58 6.89
CA LEU A 319 11.61 -11.44 6.58
C LEU A 319 11.92 -11.37 5.09
N PRO A 320 13.22 -11.22 4.73
CA PRO A 320 13.60 -11.08 3.33
C PRO A 320 13.07 -12.19 2.42
N ARG A 321 12.54 -11.80 1.28
CA ARG A 321 12.08 -12.73 0.26
C ARG A 321 12.64 -12.29 -1.07
N ASP A 322 13.41 -13.16 -1.70
CA ASP A 322 14.08 -12.86 -2.96
C ASP A 322 13.16 -12.18 -3.96
N GLY A 323 13.60 -11.03 -4.47
CA GLY A 323 12.85 -10.25 -5.45
C GLY A 323 11.56 -9.60 -4.99
N VAL A 324 11.26 -9.67 -3.69
CA VAL A 324 9.96 -9.23 -3.18
C VAL A 324 10.11 -8.21 -2.05
N VAL A 325 10.69 -8.63 -0.94
CA VAL A 325 10.88 -7.75 0.21
C VAL A 325 12.30 -7.89 0.77
N PHE A 326 12.87 -6.73 1.12
CA PHE A 326 14.26 -6.60 1.50
C PHE A 326 14.26 -5.87 2.84
N THR A 327 14.85 -6.49 3.86
CA THR A 327 14.78 -5.94 5.21
C THR A 327 16.12 -6.08 5.91
N TYR A 328 16.55 -4.98 6.50
CA TYR A 328 17.86 -4.90 7.13
C TYR A 328 17.73 -4.35 8.53
N VAL A 329 18.51 -4.89 9.44
CA VAL A 329 18.54 -4.41 10.82
C VAL A 329 19.89 -3.79 11.12
N VAL A 330 19.91 -2.82 12.02
CA VAL A 330 21.15 -2.29 12.57
C VAL A 330 21.38 -3.03 13.86
N GLU A 331 22.49 -3.78 13.91
CA GLU A 331 22.85 -4.51 15.12
C GLU A 331 24.24 -4.11 15.56
N ASN A 332 24.30 -3.32 16.63
CA ASN A 332 25.54 -2.99 17.31
C ASN A 332 25.44 -3.32 18.78
N ASP A 333 26.58 -3.69 19.38
CA ASP A 333 26.63 -4.30 20.71
C ASP A 333 25.60 -5.44 20.85
N LYS A 334 25.52 -6.28 19.80
CA LYS A 334 24.67 -7.48 19.77
C LYS A 334 23.15 -7.25 19.91
N LYS A 335 22.70 -6.02 19.77
CA LYS A 335 21.26 -5.72 19.89
C LYS A 335 20.74 -4.97 18.67
N VAL A 336 19.53 -5.34 18.23
CA VAL A 336 18.88 -4.67 17.10
C VAL A 336 18.22 -3.39 17.60
N THR A 337 18.65 -2.26 17.05
CA THR A 337 18.22 -0.96 17.53
C THR A 337 17.43 -0.19 16.47
N ASP A 338 17.61 -0.60 15.21
CA ASP A 338 16.99 0.07 14.06
C ASP A 338 16.73 -0.97 12.98
N PHE A 339 15.77 -0.71 12.09
CA PHE A 339 15.60 -1.54 10.91
C PHE A 339 14.90 -0.75 9.82
N PHE A 340 15.10 -1.18 8.57
CA PHE A 340 14.29 -0.68 7.48
C PHE A 340 13.90 -1.82 6.55
N SER A 341 12.82 -1.61 5.80
CA SER A 341 12.39 -2.58 4.80
C SER A 341 11.99 -1.84 3.55
N PHE A 342 12.16 -2.47 2.40
CA PHE A 342 11.57 -2.00 1.16
C PHE A 342 11.06 -3.18 0.33
N TYR A 343 10.05 -2.93 -0.50
CA TYR A 343 9.56 -3.97 -1.39
C TYR A 343 9.69 -3.58 -2.86
N ARG A 344 9.69 -4.58 -3.73
CA ARG A 344 9.93 -4.36 -5.15
C ARG A 344 8.65 -4.48 -5.95
N ILE A 345 8.33 -3.46 -6.74
CA ILE A 345 7.32 -3.62 -7.80
C ILE A 345 7.93 -3.06 -9.08
N PRO A 346 8.22 -3.94 -10.05
CA PRO A 346 8.66 -3.42 -11.33
C PRO A 346 7.45 -2.95 -12.12
N SER A 347 7.68 -1.98 -13.01
CA SER A 347 6.64 -1.55 -13.93
C SER A 347 7.09 -1.82 -15.35
N THR A 348 6.16 -2.29 -16.17
CA THR A 348 6.39 -2.43 -17.60
C THR A 348 6.62 -1.06 -18.22
N VAL A 349 7.69 -0.93 -18.99
CA VAL A 349 7.98 0.28 -19.74
C VAL A 349 7.31 0.08 -21.10
N ILE A 350 6.12 0.65 -21.24
CA ILE A 350 5.20 0.32 -22.32
C ILE A 350 5.71 0.71 -23.72
N GLY A 351 6.23 1.93 -23.85
CA GLY A 351 6.50 2.50 -25.17
C GLY A 351 7.95 2.52 -25.65
N ASN A 352 8.87 2.36 -24.71
CA ASN A 352 10.30 2.30 -25.03
C ASN A 352 10.71 0.84 -25.27
N SER A 353 11.26 0.57 -26.46
CA SER A 353 11.65 -0.78 -26.85
C SER A 353 13.00 -1.23 -26.29
N ASN A 354 13.76 -0.29 -25.74
CA ASN A 354 15.11 -0.56 -25.22
C ASN A 354 15.14 -1.11 -23.78
N TYR A 355 14.04 -0.91 -23.05
CA TYR A 355 13.93 -1.37 -21.67
C TYR A 355 12.62 -2.11 -21.45
N ASN A 356 12.67 -3.26 -20.78
CA ASN A 356 11.46 -3.99 -20.46
C ASN A 356 10.79 -3.45 -19.20
N LEU A 357 11.60 -3.17 -18.19
CA LEU A 357 11.09 -2.86 -16.86
C LEU A 357 11.73 -1.64 -16.22
N LEU A 358 10.92 -0.95 -15.42
CA LEU A 358 11.38 0.04 -14.45
C LEU A 358 11.38 -0.67 -13.10
N ASN A 359 12.56 -0.78 -12.49
CA ASN A 359 12.69 -1.54 -11.25
C ASN A 359 12.59 -0.59 -10.07
N ALA A 360 11.44 -0.59 -9.40
CA ALA A 360 11.20 0.35 -8.31
C ALA A 360 11.22 -0.31 -6.93
N ALA A 361 11.89 0.37 -6.00
CA ALA A 361 11.91 -0.01 -4.59
C ALA A 361 10.97 0.91 -3.82
N TYR A 362 10.15 0.34 -2.94
CA TYR A 362 9.15 1.10 -2.22
C TYR A 362 9.46 1.06 -0.73
N VAL A 363 9.58 2.23 -0.10
CA VAL A 363 9.85 2.28 1.34
C VAL A 363 8.71 1.61 2.09
N HIS A 364 9.05 0.63 2.92
CA HIS A 364 8.08 -0.21 3.63
C HIS A 364 8.06 0.26 5.08
N TYR A 365 8.01 -0.65 6.05
CA TYR A 365 8.14 -0.23 7.46
C TYR A 365 9.59 -0.01 7.87
N TYR A 366 9.77 0.78 8.93
CA TYR A 366 11.07 1.05 9.51
C TYR A 366 10.90 1.51 10.95
N ALA A 367 12.00 1.54 11.69
CA ALA A 367 12.03 2.15 13.03
C ALA A 367 13.47 2.49 13.34
N ALA A 368 13.68 3.71 13.85
CA ALA A 368 15.01 4.12 14.28
C ALA A 368 14.99 4.49 15.76
N THR A 369 15.91 3.91 16.52
CA THR A 369 16.09 4.29 17.93
C THR A 369 17.50 4.78 18.26
N SER A 370 18.48 4.41 17.44
CA SER A 370 19.87 4.75 17.74
C SER A 370 20.48 5.81 16.82
N ILE A 371 19.92 5.94 15.62
CA ILE A 371 20.43 6.88 14.63
C ILE A 371 19.30 7.73 14.04
N PRO A 372 19.64 8.92 13.50
CA PRO A 372 18.62 9.74 12.84
C PRO A 372 18.02 9.01 11.66
N LEU A 373 16.74 9.26 11.40
CA LEU A 373 16.03 8.58 10.33
C LEU A 373 16.70 8.74 8.95
N HIS A 374 17.18 9.94 8.65
CA HIS A 374 17.87 10.17 7.37
C HIS A 374 19.10 9.27 7.21
N GLN A 375 19.80 9.02 8.31
CA GLN A 375 20.96 8.14 8.32
C GLN A 375 20.58 6.69 8.05
N LEU A 376 19.44 6.27 8.60
CA LEU A 376 18.94 4.90 8.38
C LEU A 376 18.49 4.72 6.94
N ILE A 377 17.71 5.68 6.44
CA ILE A 377 17.13 5.57 5.11
C ILE A 377 18.17 5.80 4.00
N LEU A 378 19.25 6.55 4.29
CA LEU A 378 20.37 6.60 3.35
C LEU A 378 20.88 5.19 3.01
N ASP A 379 21.01 4.34 4.03
CA ASP A 379 21.39 2.97 3.79
C ASP A 379 20.37 2.18 2.96
N LEU A 380 19.08 2.49 3.11
CA LEU A 380 18.06 1.91 2.24
C LEU A 380 18.33 2.26 0.77
N LEU A 381 18.58 3.53 0.50
CA LEU A 381 18.89 3.96 -0.88
C LEU A 381 20.14 3.27 -1.41
N ILE A 382 21.16 3.19 -0.55
CA ILE A 382 22.43 2.54 -0.93
C ILE A 382 22.21 1.07 -1.32
N VAL A 383 21.48 0.35 -0.48
CA VAL A 383 21.20 -1.07 -0.75
C VAL A 383 20.36 -1.24 -2.02
N ALA A 384 19.31 -0.43 -2.14
CA ALA A 384 18.47 -0.48 -3.33
C ALA A 384 19.27 -0.22 -4.60
N HIS A 385 20.11 0.81 -4.57
CA HIS A 385 20.93 1.15 -5.73
C HIS A 385 21.89 0.01 -6.08
N SER A 386 22.54 -0.56 -5.06
CA SER A 386 23.52 -1.61 -5.32
C SER A 386 22.86 -2.88 -5.86
N ARG A 387 21.59 -3.08 -5.52
CA ARG A 387 20.82 -4.25 -6.00
C ARG A 387 20.18 -4.02 -7.38
N GLY A 388 20.43 -2.87 -7.98
CA GLY A 388 19.98 -2.59 -9.35
C GLY A 388 18.62 -1.95 -9.49
N PHE A 389 18.10 -1.36 -8.41
CA PHE A 389 16.86 -0.58 -8.48
C PHE A 389 17.10 0.78 -9.12
N ASP A 390 16.09 1.27 -9.85
CA ASP A 390 16.21 2.52 -10.63
C ASP A 390 15.69 3.74 -9.90
N VAL A 391 14.75 3.51 -8.97
CA VAL A 391 14.09 4.59 -8.27
C VAL A 391 13.58 4.04 -6.95
N CYS A 392 13.50 4.91 -5.95
CA CYS A 392 12.89 4.56 -4.67
C CYS A 392 11.66 5.43 -4.49
N ASN A 393 10.54 4.79 -4.21
CA ASN A 393 9.24 5.46 -4.11
C ASN A 393 8.67 5.39 -2.70
N MET A 394 7.87 6.40 -2.35
CA MET A 394 7.17 6.40 -1.07
C MET A 394 6.04 7.44 -1.08
N VAL A 395 5.13 7.32 -0.12
CA VAL A 395 4.13 8.36 0.12
C VAL A 395 4.52 9.07 1.42
N GLU A 396 4.05 10.31 1.60
CA GLU A 396 4.39 11.09 2.80
C GLU A 396 3.63 10.66 4.07
N ILE A 397 3.60 9.35 4.32
CA ILE A 397 3.05 8.79 5.56
C ILE A 397 4.19 8.58 6.55
N LEU A 398 3.90 8.01 7.72
CA LEU A 398 4.93 7.78 8.75
C LEU A 398 5.75 9.07 8.99
N ASP A 399 7.06 8.95 9.12
CA ASP A 399 7.91 10.13 9.23
C ASP A 399 8.71 10.36 7.95
N ASN A 400 8.12 9.97 6.81
CA ASN A 400 8.81 10.06 5.53
C ASN A 400 9.20 11.49 5.11
N ARG A 401 8.43 12.48 5.58
CA ARG A 401 8.75 13.89 5.31
C ARG A 401 10.09 14.32 5.92
N SER A 402 10.49 13.67 7.00
CA SER A 402 11.68 14.08 7.75
C SER A 402 13.00 13.87 6.99
N PHE A 403 12.98 13.08 5.93
CA PHE A 403 14.20 12.84 5.16
C PHE A 403 14.09 13.18 3.66
N VAL A 404 12.96 13.75 3.25
CA VAL A 404 12.73 14.12 1.85
C VAL A 404 13.85 14.99 1.30
N GLU A 405 14.10 16.11 1.96
CA GLU A 405 15.07 17.07 1.46
C GLU A 405 16.52 16.57 1.50
N GLN A 406 16.94 15.99 2.62
CA GLN A 406 18.34 15.57 2.72
C GLN A 406 18.70 14.42 1.77
N LEU A 407 17.75 13.51 1.58
CA LEU A 407 18.01 12.35 0.73
C LEU A 407 17.59 12.56 -0.72
N LYS A 408 17.25 13.80 -1.05
CA LYS A 408 16.99 14.22 -2.43
C LYS A 408 15.78 13.54 -3.09
N PHE A 409 14.74 13.26 -2.30
CA PHE A 409 13.45 12.85 -2.86
C PHE A 409 12.77 14.07 -3.46
N GLY A 410 11.99 13.83 -4.51
CA GLY A 410 11.20 14.88 -5.12
C GLY A 410 9.75 14.46 -5.17
N ALA A 411 8.85 15.41 -5.00
CA ALA A 411 7.41 15.12 -5.07
C ALA A 411 7.04 14.66 -6.48
N GLY A 412 6.16 13.66 -6.56
CA GLY A 412 5.64 13.15 -7.83
C GLY A 412 4.31 13.74 -8.24
N ASP A 413 3.64 13.06 -9.17
CA ASP A 413 2.36 13.51 -9.69
C ASP A 413 1.18 12.92 -8.91
N GLY A 414 0.24 13.77 -8.52
CA GLY A 414 -0.99 13.31 -7.87
C GLY A 414 -0.85 12.98 -6.40
N HIS A 415 -1.73 12.12 -5.89
CA HIS A 415 -1.76 11.77 -4.46
C HIS A 415 -2.24 10.35 -4.25
N LEU A 416 -1.76 9.71 -3.19
CA LEU A 416 -2.38 8.47 -2.71
C LEU A 416 -3.38 8.84 -1.60
N ARG A 417 -4.60 8.36 -1.77
CA ARG A 417 -5.68 8.63 -0.83
C ARG A 417 -6.02 7.38 -0.06
N TYR A 418 -6.26 7.55 1.24
CA TYR A 418 -6.63 6.45 2.14
C TYR A 418 -8.11 6.52 2.45
N TYR A 419 -8.77 5.35 2.45
CA TYR A 419 -10.21 5.28 2.62
C TYR A 419 -10.59 4.18 3.60
N PHE A 420 -11.73 4.38 4.28
CA PHE A 420 -12.39 3.31 5.00
C PHE A 420 -13.72 2.99 4.35
N TYR A 421 -14.12 1.72 4.45
CA TYR A 421 -15.48 1.32 4.11
C TYR A 421 -16.21 1.08 5.42
N ASN A 422 -17.38 1.72 5.57
CA ASN A 422 -18.21 1.61 6.77
C ASN A 422 -17.47 2.02 8.05
N TRP A 423 -16.78 3.15 7.98
CA TRP A 423 -16.13 3.72 9.15
C TRP A 423 -16.09 5.23 9.02
N ALA A 424 -16.84 5.91 9.89
CA ALA A 424 -16.76 7.36 9.98
C ALA A 424 -15.42 7.70 10.62
N TYR A 425 -14.71 8.65 10.01
CA TYR A 425 -13.39 9.03 10.52
C TYR A 425 -13.10 10.49 10.16
N PRO A 426 -12.57 11.28 11.13
CA PRO A 426 -12.20 12.67 10.81
C PRO A 426 -10.98 12.70 9.92
N LYS A 427 -10.85 13.76 9.13
CA LYS A 427 -9.68 13.97 8.28
C LYS A 427 -8.44 14.02 9.14
N ILE A 428 -7.39 13.31 8.72
CA ILE A 428 -6.10 13.38 9.39
C ILE A 428 -5.00 13.68 8.39
N LYS A 429 -3.90 14.22 8.89
CA LYS A 429 -2.71 14.45 8.08
C LYS A 429 -2.12 13.09 7.70
N PRO A 430 -1.46 13.00 6.52
CA PRO A 430 -0.82 11.74 6.13
C PRO A 430 0.31 11.34 7.09
N SER A 431 0.88 12.32 7.79
CA SER A 431 1.91 12.01 8.78
C SER A 431 1.33 11.36 10.06
N GLN A 432 0.02 11.15 10.08
CA GLN A 432 -0.60 10.40 11.17
C GLN A 432 -1.10 9.03 10.72
N VAL A 433 -0.64 8.62 9.54
CA VAL A 433 -0.97 7.31 8.97
C VAL A 433 0.28 6.43 9.02
N ALA A 434 0.12 5.21 9.52
CA ALA A 434 1.24 4.30 9.65
C ALA A 434 1.00 2.97 8.91
N LEU A 435 -0.03 2.95 8.05
CA LEU A 435 -0.32 1.77 7.26
C LEU A 435 0.29 1.89 5.85
N VAL A 436 1.27 1.04 5.57
CA VAL A 436 1.90 0.99 4.26
C VAL A 436 1.12 0.00 3.41
N MET A 437 0.67 0.44 2.25
CA MET A 437 -0.08 -0.44 1.39
C MET A 437 0.80 -0.96 0.25
N LEU A 438 0.61 -2.23 -0.09
CA LEU A 438 1.41 -2.89 -1.12
C LEU A 438 0.93 -2.60 -2.53
#